data_1YRU
#
_entry.id   1YRU
#
_cell.length_a   79.441
_cell.length_b   79.441
_cell.length_c   139.181
_cell.angle_alpha   90.00
_cell.angle_beta   90.00
_cell.angle_gamma   90.00
#
_symmetry.space_group_name_H-M   'P 41 21 2'
#
loop_
_entity.id
_entity.type
_entity.pdbx_description
1 polymer 'Bifunctional hemolysin-adenylate cyclase'
2 polymer Calmodulin
3 non-polymer 'CALCIUM ION'
4 water water
#
loop_
_entity_poly.entity_id
_entity_poly.type
_entity_poly.pdbx_seq_one_letter_code
_entity_poly.pdbx_strand_id
1 'polypeptide(L)'
;MQQSHQAGYANAADRESGIPAAVLDGIKAVAKEKNATLMFRLVNPHSTSLIAEGVATKGLGVHAKSSDWGLQAGYIPVNP
NLSKLFGRAPEVIARADNDVNSSLAHGHTAVDLTLSKERLDYLRQAGLVTGMADGVVASNHAGYEQFEFRVKETSDGRYA
VQYRRKGGDDFEAVKVIGNAAGIPLTADIDMFAIMPHLSNFRDSARSSVTSGDSVTDYLARTRRAASEATGGLDRERIDL
LWKIARAGARSAVGTEARRQFRYDGDMNIGVITDFELEVRNALNRRAHAVGAQDVVQHGTEQNNPFPEADEKIFVVSATG
ESQMLTRGQLKEYIGQQRGEGYVFYENRAYGVAGKSLFDDGLGA
;
A
2 'polypeptide(L)' KMKDTDSEEEIREAFRVFDKDGNGYISAAELRHVMTNLGEKLTDEEVDEMIREADIDGDGQVNYEEFVQMMTAK B
#
loop_
_chem_comp.id
_chem_comp.type
_chem_comp.name
_chem_comp.formula
CA non-polymer 'CALCIUM ION' 'Ca 2'
#
# COMPACT_ATOMS: atom_id res chain seq x y z
N ALA A 7 22.21 -5.60 -1.11
CA ALA A 7 22.40 -6.52 -0.01
C ALA A 7 21.57 -7.78 -0.16
N GLY A 8 20.34 -7.62 -0.62
CA GLY A 8 19.40 -8.68 -0.70
C GLY A 8 18.63 -8.59 0.56
N TYR A 9 18.56 -9.74 1.20
CA TYR A 9 17.84 -10.04 2.42
C TYR A 9 18.64 -9.85 3.73
N ALA A 10 18.37 -8.96 4.68
CA ALA A 10 19.34 -8.87 5.80
C ALA A 10 18.95 -9.52 7.10
N ASN A 11 17.79 -10.15 7.11
CA ASN A 11 17.32 -10.77 8.33
C ASN A 11 16.13 -11.70 8.07
N ALA A 12 15.64 -12.29 9.17
CA ALA A 12 14.48 -13.15 9.08
C ALA A 12 13.20 -12.45 8.51
N ALA A 13 12.84 -11.29 9.05
CA ALA A 13 11.63 -10.57 8.57
C ALA A 13 11.67 -10.40 7.03
N ASP A 14 12.83 -9.93 6.54
CA ASP A 14 12.97 -9.78 5.11
C ASP A 14 12.57 -11.09 4.39
N ARG A 15 13.11 -12.24 4.78
CA ARG A 15 12.84 -13.54 4.14
C ARG A 15 11.44 -14.05 4.43
N GLU A 16 10.80 -13.46 5.43
CA GLU A 16 9.48 -13.96 5.73
C GLU A 16 8.49 -13.13 5.00
N SER A 17 8.94 -12.02 4.46
CA SER A 17 7.97 -11.17 3.84
C SER A 17 7.46 -11.79 2.55
N GLY A 18 8.21 -12.71 1.98
CA GLY A 18 7.72 -13.13 0.70
C GLY A 18 8.00 -12.11 -0.43
N ILE A 19 8.65 -10.99 -0.17
CA ILE A 19 8.96 -10.09 -1.30
C ILE A 19 10.29 -10.60 -1.89
N PRO A 20 10.40 -10.74 -3.22
CA PRO A 20 11.64 -11.24 -3.85
C PRO A 20 12.81 -10.40 -3.54
N ALA A 21 13.92 -10.99 -3.19
CA ALA A 21 15.10 -10.19 -2.86
C ALA A 21 15.40 -8.89 -3.65
N ALA A 22 15.42 -8.89 -5.00
CA ALA A 22 15.79 -7.65 -5.75
C ALA A 22 14.80 -6.46 -5.73
N VAL A 23 13.51 -6.77 -5.61
CA VAL A 23 12.42 -5.83 -5.41
C VAL A 23 12.48 -5.18 -3.99
N LEU A 24 12.85 -5.93 -2.98
CA LEU A 24 12.89 -5.41 -1.60
C LEU A 24 14.04 -4.40 -1.50
N ASP A 25 15.11 -4.64 -2.27
CA ASP A 25 16.23 -3.73 -2.27
C ASP A 25 15.75 -2.36 -2.75
N GLY A 26 14.98 -2.33 -3.82
CA GLY A 26 14.45 -1.07 -4.25
C GLY A 26 13.52 -0.51 -3.20
N ILE A 27 12.83 -1.40 -2.50
CA ILE A 27 11.87 -0.96 -1.50
C ILE A 27 12.59 -0.21 -0.41
N LYS A 28 13.70 -0.77 -0.01
CA LYS A 28 14.45 -0.17 1.02
C LYS A 28 14.97 1.13 0.53
N ALA A 29 15.38 1.13 -0.73
CA ALA A 29 15.93 2.34 -1.28
C ALA A 29 14.93 3.47 -1.47
N VAL A 30 13.71 3.11 -1.85
CA VAL A 30 12.75 4.15 -2.10
C VAL A 30 12.34 4.77 -0.81
N ALA A 31 12.30 3.95 0.23
CA ALA A 31 11.90 4.43 1.51
C ALA A 31 12.89 5.48 2.07
N LYS A 32 14.16 5.30 1.79
CA LYS A 32 15.13 6.29 2.29
C LYS A 32 15.14 7.55 1.43
N GLU A 33 15.00 7.35 0.13
CA GLU A 33 15.01 8.40 -0.90
C GLU A 33 13.82 9.31 -0.68
N LYS A 34 12.69 8.73 -0.31
CA LYS A 34 11.56 9.59 -0.13
C LYS A 34 11.32 9.85 1.37
N ASN A 35 12.19 9.33 2.24
CA ASN A 35 12.06 9.50 3.68
C ASN A 35 10.63 9.16 4.25
N ALA A 36 10.27 7.87 4.22
CA ALA A 36 8.96 7.36 4.64
C ALA A 36 9.01 5.88 5.01
N THR A 37 8.19 5.55 6.04
CA THR A 37 8.08 4.20 6.49
C THR A 37 7.06 3.55 5.55
N LEU A 38 7.45 2.40 5.01
CA LEU A 38 6.61 1.69 4.09
C LEU A 38 6.18 0.35 4.76
N MET A 39 4.87 0.11 4.81
CA MET A 39 4.36 -1.08 5.47
C MET A 39 3.58 -1.99 4.51
N PHE A 40 3.85 -3.28 4.61
CA PHE A 40 3.26 -4.24 3.73
C PHE A 40 2.63 -5.47 4.33
N ARG A 41 1.64 -5.95 3.58
CA ARG A 41 0.98 -7.18 3.94
C ARG A 41 1.90 -8.30 3.43
N LEU A 42 1.96 -9.41 4.14
CA LEU A 42 2.78 -10.51 3.67
C LEU A 42 2.44 -10.98 2.23
N VAL A 43 3.47 -11.28 1.46
CA VAL A 43 3.22 -11.77 0.12
C VAL A 43 3.20 -13.29 0.26
N ASN A 44 2.20 -13.96 -0.29
CA ASN A 44 2.08 -15.42 -0.21
C ASN A 44 3.39 -16.01 -0.78
N PRO A 45 4.03 -16.96 -0.08
CA PRO A 45 5.27 -17.39 -0.73
C PRO A 45 5.19 -18.01 -2.10
N HIS A 46 4.03 -18.46 -2.52
CA HIS A 46 3.95 -19.05 -3.83
C HIS A 46 4.01 -18.01 -4.92
N SER A 47 4.04 -16.72 -4.61
CA SER A 47 4.07 -15.75 -5.70
C SER A 47 5.45 -15.17 -5.85
N THR A 48 6.19 -15.20 -4.74
CA THR A 48 7.54 -14.65 -4.68
C THR A 48 8.30 -14.89 -5.99
N SER A 49 8.46 -16.15 -6.35
CA SER A 49 9.20 -16.52 -7.56
C SER A 49 8.62 -16.01 -8.84
N LEU A 50 7.30 -15.87 -8.91
CA LEU A 50 6.69 -15.42 -10.13
C LEU A 50 6.93 -13.97 -10.31
N ILE A 51 6.92 -13.23 -9.22
CA ILE A 51 7.14 -11.80 -9.31
C ILE A 51 8.62 -11.59 -9.65
N ALA A 52 9.50 -12.46 -9.18
CA ALA A 52 10.90 -12.24 -9.42
C ALA A 52 11.35 -12.33 -10.86
N GLU A 53 10.67 -13.19 -11.63
CA GLU A 53 11.01 -13.46 -13.04
C GLU A 53 10.06 -12.75 -13.98
N GLY A 54 9.53 -11.63 -13.51
CA GLY A 54 8.64 -10.81 -14.31
C GLY A 54 7.22 -11.22 -14.59
N VAL A 55 6.59 -12.06 -13.78
CA VAL A 55 5.21 -12.39 -14.09
C VAL A 55 4.34 -11.21 -13.66
N ALA A 56 3.22 -10.98 -14.33
CA ALA A 56 2.39 -9.82 -13.96
C ALA A 56 1.60 -9.94 -12.66
N THR A 57 1.35 -8.75 -12.16
CA THR A 57 0.70 -8.51 -10.92
C THR A 57 -0.73 -7.96 -11.10
N LYS A 58 -1.71 -8.54 -10.42
CA LYS A 58 -3.09 -8.08 -10.58
C LYS A 58 -3.51 -6.79 -9.87
N GLY A 59 -4.50 -6.16 -10.47
CA GLY A 59 -5.11 -4.95 -9.94
C GLY A 59 -6.47 -5.19 -9.27
N LEU A 60 -7.10 -4.11 -8.84
CA LEU A 60 -8.41 -4.23 -8.18
C LEU A 60 -9.50 -4.75 -9.14
N GLY A 61 -9.19 -4.82 -10.43
CA GLY A 61 -10.19 -5.29 -11.36
C GLY A 61 -10.48 -6.76 -11.10
N VAL A 62 -9.41 -7.52 -11.03
CA VAL A 62 -9.55 -8.92 -10.82
C VAL A 62 -10.07 -9.32 -9.47
N HIS A 63 -11.23 -9.91 -9.45
CA HIS A 63 -11.74 -10.45 -8.19
C HIS A 63 -11.75 -11.96 -8.34
N ALA A 64 -11.02 -12.50 -9.32
CA ALA A 64 -10.99 -13.96 -9.50
C ALA A 64 -10.14 -14.56 -8.40
N LYS A 65 -10.54 -15.74 -7.94
CA LYS A 65 -9.81 -16.42 -6.88
C LYS A 65 -8.56 -17.09 -7.44
N SER A 66 -7.44 -16.93 -6.75
CA SER A 66 -6.18 -17.55 -7.20
C SER A 66 -6.06 -19.03 -6.83
N SER A 67 -4.96 -19.62 -7.20
CA SER A 67 -4.83 -20.98 -6.83
C SER A 67 -3.62 -21.21 -5.94
N ASP A 68 -3.73 -22.16 -5.02
CA ASP A 68 -2.64 -22.46 -4.12
C ASP A 68 -2.19 -23.89 -4.19
N TRP A 69 -2.43 -24.56 -5.31
CA TRP A 69 -2.05 -25.98 -5.44
C TRP A 69 -1.84 -26.42 -6.86
N GLY A 70 -1.09 -27.51 -7.06
CA GLY A 70 -0.89 -28.00 -8.40
C GLY A 70 -0.01 -27.05 -9.15
N LEU A 71 0.27 -27.34 -10.42
CA LEU A 71 1.12 -26.51 -11.24
C LEU A 71 0.53 -25.13 -11.48
N GLN A 72 -0.76 -24.97 -11.21
CA GLN A 72 -1.35 -23.69 -11.43
C GLN A 72 -1.15 -22.82 -10.16
N ALA A 73 -0.49 -23.38 -9.13
CA ALA A 73 -0.27 -22.60 -7.88
C ALA A 73 0.33 -21.22 -8.12
N GLY A 74 -0.29 -20.17 -7.59
CA GLY A 74 0.24 -18.85 -7.78
C GLY A 74 -0.41 -18.01 -8.88
N TYR A 75 -1.01 -18.70 -9.85
CA TYR A 75 -1.68 -18.01 -10.93
C TYR A 75 -3.16 -17.97 -10.62
N ILE A 76 -3.92 -17.29 -11.48
CA ILE A 76 -5.34 -17.16 -11.25
C ILE A 76 -6.04 -17.86 -12.38
N PRO A 77 -6.47 -19.10 -12.10
CA PRO A 77 -7.17 -20.03 -13.00
C PRO A 77 -8.55 -19.56 -13.50
N VAL A 78 -8.76 -19.66 -14.84
CA VAL A 78 -10.05 -19.29 -15.47
C VAL A 78 -11.11 -20.33 -15.03
N ASN A 79 -10.66 -21.58 -14.90
CA ASN A 79 -11.52 -22.66 -14.44
C ASN A 79 -11.55 -22.48 -12.91
N PRO A 80 -12.61 -21.84 -12.37
CA PRO A 80 -12.61 -21.68 -10.91
C PRO A 80 -12.39 -22.92 -10.04
N ASN A 81 -12.47 -24.12 -10.59
CA ASN A 81 -12.26 -25.33 -9.76
C ASN A 81 -10.75 -25.63 -9.59
N LEU A 82 -9.94 -25.12 -10.50
CA LEU A 82 -8.51 -25.40 -10.37
C LEU A 82 -7.88 -24.41 -9.36
N SER A 83 -8.76 -23.54 -8.85
CA SER A 83 -8.41 -22.47 -7.91
C SER A 83 -8.58 -22.94 -6.47
N LYS A 84 -8.11 -22.12 -5.52
CA LYS A 84 -8.23 -22.49 -4.14
C LYS A 84 -9.67 -22.82 -3.74
N LEU A 85 -10.62 -22.42 -4.51
CA LEU A 85 -11.98 -22.70 -4.09
C LEU A 85 -12.40 -24.09 -4.53
N PHE A 86 -11.40 -24.95 -4.60
CA PHE A 86 -11.55 -26.33 -5.10
C PHE A 86 -12.74 -27.18 -4.71
N GLY A 87 -12.86 -27.62 -3.47
CA GLY A 87 -13.94 -28.57 -3.08
C GLY A 87 -15.16 -27.89 -2.56
N ARG A 88 -15.19 -26.60 -2.84
CA ARG A 88 -16.29 -25.72 -2.56
C ARG A 88 -17.45 -26.09 -3.48
N ALA A 89 -18.59 -25.43 -3.21
CA ALA A 89 -19.80 -25.79 -3.86
C ALA A 89 -20.69 -24.75 -4.44
N PRO A 90 -21.72 -25.38 -5.07
CA PRO A 90 -22.37 -24.74 -6.21
C PRO A 90 -22.39 -23.28 -6.31
N GLU A 91 -22.83 -22.69 -5.19
CA GLU A 91 -22.90 -21.26 -5.17
C GLU A 91 -21.54 -20.69 -5.30
N VAL A 92 -20.66 -21.09 -4.40
CA VAL A 92 -19.30 -20.55 -4.44
C VAL A 92 -18.74 -20.79 -5.84
N ILE A 93 -18.38 -22.04 -6.17
CA ILE A 93 -17.85 -22.32 -7.51
C ILE A 93 -18.56 -21.43 -8.55
N ALA A 94 -19.88 -21.27 -8.39
CA ALA A 94 -20.67 -20.48 -9.31
C ALA A 94 -20.42 -18.98 -9.21
N ARG A 95 -20.53 -18.37 -8.01
CA ARG A 95 -20.24 -16.92 -7.91
C ARG A 95 -18.84 -16.75 -8.54
N ALA A 96 -18.04 -17.79 -8.39
CA ALA A 96 -16.69 -17.85 -8.90
C ALA A 96 -16.57 -17.57 -10.42
N ASP A 97 -17.55 -18.05 -11.18
CA ASP A 97 -17.60 -17.87 -12.64
C ASP A 97 -17.66 -16.42 -13.12
N ASN A 98 -18.67 -15.68 -12.64
CA ASN A 98 -18.85 -14.28 -12.98
C ASN A 98 -17.45 -13.70 -12.80
N ASP A 99 -16.97 -13.63 -11.53
CA ASP A 99 -15.59 -13.18 -11.19
C ASP A 99 -14.60 -13.41 -12.36
N VAL A 100 -14.32 -14.67 -12.69
CA VAL A 100 -13.41 -14.93 -13.80
C VAL A 100 -13.91 -14.14 -15.02
N ASN A 101 -15.14 -14.41 -15.42
CA ASN A 101 -15.78 -13.73 -16.56
C ASN A 101 -15.79 -12.20 -16.44
N SER A 102 -15.97 -11.72 -15.21
CA SER A 102 -15.98 -10.31 -14.87
C SER A 102 -14.71 -9.62 -15.38
N SER A 103 -13.56 -10.25 -15.11
CA SER A 103 -12.26 -9.71 -15.50
C SER A 103 -11.95 -9.65 -17.01
N LEU A 104 -12.30 -10.70 -17.74
CA LEU A 104 -12.03 -10.72 -19.19
C LEU A 104 -12.85 -9.68 -20.01
N ALA A 105 -13.87 -9.11 -19.36
CA ALA A 105 -14.70 -8.08 -20.02
C ALA A 105 -13.84 -6.85 -20.18
N HIS A 106 -13.01 -6.57 -19.19
CA HIS A 106 -12.14 -5.39 -19.20
C HIS A 106 -10.66 -5.62 -19.46
N GLY A 107 -10.28 -5.64 -20.73
CA GLY A 107 -8.87 -5.80 -21.09
C GLY A 107 -8.09 -7.05 -20.67
N HIS A 108 -8.64 -7.90 -19.80
CA HIS A 108 -7.90 -9.09 -19.40
C HIS A 108 -8.17 -10.24 -20.39
N THR A 109 -7.10 -10.91 -20.72
CA THR A 109 -7.09 -11.98 -21.66
C THR A 109 -6.93 -13.27 -20.89
N ALA A 110 -7.23 -14.40 -21.51
CA ALA A 110 -7.09 -15.69 -20.85
C ALA A 110 -5.94 -16.34 -21.58
N VAL A 111 -4.88 -16.75 -20.88
CA VAL A 111 -3.75 -17.33 -21.58
C VAL A 111 -3.31 -18.71 -21.13
N ASP A 112 -2.66 -19.40 -22.05
CA ASP A 112 -2.17 -20.73 -21.79
C ASP A 112 -1.09 -20.69 -20.75
N LEU A 113 -1.29 -21.50 -19.73
CA LEU A 113 -0.34 -21.53 -18.66
C LEU A 113 0.95 -22.23 -19.04
N THR A 114 2.06 -21.51 -19.00
CA THR A 114 3.31 -22.17 -19.23
C THR A 114 4.32 -21.72 -18.14
N LEU A 115 5.06 -22.69 -17.60
CA LEU A 115 6.03 -22.46 -16.53
C LEU A 115 7.48 -22.34 -17.00
N SER A 116 8.28 -21.60 -16.25
CA SER A 116 9.71 -21.56 -16.55
C SER A 116 10.30 -22.85 -15.97
N LYS A 117 11.45 -23.26 -16.43
CA LYS A 117 12.01 -24.47 -15.85
C LYS A 117 12.22 -24.24 -14.32
N GLU A 118 12.46 -22.98 -13.98
CA GLU A 118 12.73 -22.62 -12.61
C GLU A 118 11.53 -22.79 -11.69
N ARG A 119 10.36 -22.30 -12.09
CA ARG A 119 9.24 -22.46 -11.23
C ARG A 119 8.93 -23.93 -11.18
N LEU A 120 9.32 -24.62 -12.24
CA LEU A 120 9.03 -26.04 -12.24
C LEU A 120 9.84 -26.63 -11.08
N ASP A 121 11.13 -26.32 -11.04
CA ASP A 121 11.99 -26.78 -9.96
C ASP A 121 11.37 -26.47 -8.61
N TYR A 122 11.05 -25.19 -8.42
CA TYR A 122 10.45 -24.70 -7.21
C TYR A 122 9.20 -25.49 -6.82
N LEU A 123 8.31 -25.78 -7.77
CA LEU A 123 7.08 -26.45 -7.43
C LEU A 123 7.26 -27.80 -6.78
N ARG A 124 8.22 -28.54 -7.33
CA ARG A 124 8.53 -29.88 -6.85
C ARG A 124 9.41 -29.82 -5.61
N GLN A 125 10.11 -28.73 -5.45
CA GLN A 125 10.97 -28.56 -4.30
C GLN A 125 10.08 -28.24 -3.11
N ALA A 126 8.98 -27.53 -3.33
CA ALA A 126 8.03 -27.16 -2.27
C ALA A 126 7.00 -28.20 -2.04
N GLY A 127 7.05 -29.30 -2.80
CA GLY A 127 6.09 -30.35 -2.64
C GLY A 127 4.69 -30.09 -3.17
N LEU A 128 4.47 -28.94 -3.80
CA LEU A 128 3.17 -28.66 -4.41
C LEU A 128 2.95 -29.69 -5.52
N VAL A 129 4.08 -30.21 -6.00
CA VAL A 129 4.08 -31.27 -6.98
C VAL A 129 5.01 -32.41 -6.53
N THR A 130 4.39 -33.37 -5.86
CA THR A 130 5.06 -34.54 -5.30
C THR A 130 5.77 -35.45 -6.32
N GLY A 131 5.64 -35.14 -7.60
CA GLY A 131 6.31 -35.95 -8.58
C GLY A 131 5.66 -35.89 -9.95
N MET A 132 6.30 -36.54 -10.91
CA MET A 132 5.77 -36.56 -12.26
C MET A 132 6.25 -37.72 -13.00
N ALA A 133 5.43 -38.22 -13.92
CA ALA A 133 6.14 -39.11 -14.75
C ALA A 133 7.00 -37.98 -15.28
N ASP A 134 7.75 -38.14 -16.28
CA ASP A 134 8.49 -37.09 -16.89
C ASP A 134 7.63 -35.86 -17.27
N GLY A 135 6.32 -35.92 -16.93
CA GLY A 135 5.36 -34.84 -17.20
C GLY A 135 3.95 -35.15 -16.60
N VAL A 136 3.60 -36.48 -16.35
CA VAL A 136 2.32 -36.87 -15.69
C VAL A 136 2.42 -36.61 -14.20
N VAL A 137 2.69 -35.35 -13.85
CA VAL A 137 2.86 -34.95 -12.46
C VAL A 137 1.83 -35.48 -11.49
N ALA A 138 2.27 -35.73 -10.26
CA ALA A 138 1.42 -36.23 -9.19
C ALA A 138 1.32 -35.21 -8.02
N SER A 139 0.51 -35.51 -7.01
CA SER A 139 0.33 -34.61 -5.88
C SER A 139 -0.68 -35.17 -4.87
N ASN A 140 -0.64 -34.77 -3.61
CA ASN A 140 -1.64 -35.31 -2.75
C ASN A 140 -2.75 -34.32 -2.49
N HIS A 141 -2.80 -33.22 -3.24
CA HIS A 141 -3.89 -32.31 -3.01
C HIS A 141 -5.21 -33.01 -3.39
N ALA A 142 -6.29 -32.66 -2.69
CA ALA A 142 -7.62 -33.25 -2.94
C ALA A 142 -8.01 -33.15 -4.40
N GLY A 143 -7.49 -32.13 -5.07
CA GLY A 143 -7.80 -31.91 -6.48
C GLY A 143 -7.40 -33.02 -7.44
N TYR A 144 -6.34 -33.76 -7.14
CA TYR A 144 -5.90 -34.81 -8.05
C TYR A 144 -6.79 -36.04 -8.11
N GLU A 145 -7.70 -36.17 -7.14
CA GLU A 145 -8.61 -37.33 -7.19
C GLU A 145 -9.79 -36.97 -8.18
N GLN A 146 -9.94 -35.66 -8.47
CA GLN A 146 -10.99 -35.18 -9.37
C GLN A 146 -10.41 -34.63 -10.70
N PHE A 147 -9.10 -34.37 -10.74
CA PHE A 147 -8.46 -33.85 -11.95
C PHE A 147 -7.17 -34.60 -12.31
N GLU A 148 -6.78 -34.54 -13.58
CA GLU A 148 -5.56 -35.16 -14.09
C GLU A 148 -4.70 -34.07 -14.71
N PHE A 149 -3.38 -34.21 -14.56
CA PHE A 149 -2.45 -33.23 -15.07
C PHE A 149 -1.25 -33.82 -15.79
N ARG A 150 -0.61 -32.97 -16.59
CA ARG A 150 0.58 -33.35 -17.29
C ARG A 150 1.14 -32.12 -17.91
N VAL A 151 2.42 -32.18 -18.25
CA VAL A 151 3.15 -31.04 -18.83
C VAL A 151 3.74 -31.41 -20.18
N LYS A 152 4.04 -30.40 -20.98
CA LYS A 152 4.66 -30.63 -22.30
C LYS A 152 5.73 -29.60 -22.56
N GLU A 153 6.95 -30.01 -22.85
CA GLU A 153 7.92 -28.97 -23.11
C GLU A 153 7.56 -28.34 -24.42
N THR A 154 8.20 -27.21 -24.70
CA THR A 154 8.01 -26.50 -25.93
C THR A 154 9.43 -26.12 -26.28
N SER A 155 9.59 -25.44 -27.42
CA SER A 155 10.90 -25.04 -27.94
C SER A 155 11.42 -23.75 -27.35
N ASP A 156 10.62 -23.19 -26.45
CA ASP A 156 10.93 -21.95 -25.78
C ASP A 156 11.72 -22.21 -24.48
N GLY A 157 11.51 -23.40 -23.89
CA GLY A 157 12.16 -23.76 -22.63
C GLY A 157 11.12 -23.98 -21.54
N ARG A 158 9.93 -23.44 -21.79
CA ARG A 158 8.79 -23.54 -20.91
C ARG A 158 8.06 -24.88 -20.96
N TYR A 159 7.05 -25.04 -20.12
CA TYR A 159 6.30 -26.27 -20.10
C TYR A 159 4.81 -25.97 -20.12
N ALA A 160 4.13 -26.50 -21.11
CA ALA A 160 2.74 -26.25 -21.19
C ALA A 160 2.04 -27.16 -20.21
N VAL A 161 1.09 -26.58 -19.50
CA VAL A 161 0.30 -27.32 -18.54
C VAL A 161 -1.08 -27.73 -19.08
N GLN A 162 -1.32 -29.03 -19.18
CA GLN A 162 -2.62 -29.47 -19.67
C GLN A 162 -3.35 -30.23 -18.59
N TYR A 163 -4.68 -30.33 -18.70
CA TYR A 163 -5.47 -31.03 -17.69
C TYR A 163 -6.75 -31.68 -18.20
N ARG A 164 -7.25 -32.63 -17.41
CA ARG A 164 -8.50 -33.28 -17.71
C ARG A 164 -9.15 -33.79 -16.43
N ARG A 165 -10.44 -34.11 -16.58
CA ARG A 165 -11.26 -34.62 -15.49
C ARG A 165 -11.28 -36.16 -15.48
N LYS A 166 -11.01 -36.69 -14.30
CA LYS A 166 -10.89 -38.12 -14.00
C LYS A 166 -11.92 -38.92 -14.69
N GLY A 167 -11.31 -39.74 -15.51
CA GLY A 167 -11.91 -40.64 -16.40
C GLY A 167 -12.61 -39.95 -17.57
N GLY A 168 -13.05 -38.67 -17.50
CA GLY A 168 -13.69 -37.87 -18.62
C GLY A 168 -12.70 -38.02 -19.84
N ASP A 169 -12.49 -37.16 -20.92
CA ASP A 169 -11.49 -37.70 -21.98
C ASP A 169 -10.30 -36.86 -22.37
N ASP A 170 -10.49 -35.78 -23.09
CA ASP A 170 -9.25 -35.17 -23.52
C ASP A 170 -8.72 -34.01 -22.72
N PHE A 171 -7.39 -33.90 -22.74
CA PHE A 171 -6.59 -32.86 -22.10
C PHE A 171 -6.62 -31.54 -22.88
N GLU A 172 -6.79 -30.44 -22.15
CA GLU A 172 -6.78 -29.10 -22.71
C GLU A 172 -5.79 -28.31 -21.83
N ALA A 173 -5.11 -27.33 -22.42
CA ALA A 173 -4.15 -26.52 -21.66
C ALA A 173 -4.95 -25.93 -20.50
N VAL A 174 -4.29 -25.55 -19.42
CA VAL A 174 -5.05 -24.90 -18.35
C VAL A 174 -5.06 -23.45 -18.71
N LYS A 175 -6.19 -22.80 -18.46
CA LYS A 175 -6.29 -21.39 -18.76
C LYS A 175 -6.20 -20.47 -17.57
N VAL A 176 -5.37 -19.47 -17.78
CA VAL A 176 -5.06 -18.45 -16.77
C VAL A 176 -5.15 -16.98 -17.27
N ILE A 177 -5.74 -16.13 -16.42
CA ILE A 177 -5.97 -14.70 -16.66
C ILE A 177 -4.69 -13.92 -16.79
N GLY A 178 -4.69 -12.89 -17.61
CA GLY A 178 -3.46 -12.09 -17.77
C GLY A 178 -3.62 -10.64 -18.25
N ASN A 179 -2.50 -10.05 -18.57
CA ASN A 179 -2.44 -8.71 -19.09
C ASN A 179 -3.25 -8.60 -20.33
N ALA A 180 -3.50 -7.35 -20.70
CA ALA A 180 -4.17 -7.03 -21.92
C ALA A 180 -3.00 -7.39 -22.82
N ALA A 181 -1.81 -7.06 -22.34
CA ALA A 181 -0.58 -7.34 -23.06
C ALA A 181 -0.25 -8.82 -23.04
N GLY A 182 -1.20 -9.66 -22.64
CA GLY A 182 -0.95 -11.10 -22.62
C GLY A 182 -0.15 -11.76 -21.50
N ILE A 183 0.54 -10.99 -20.64
CA ILE A 183 1.31 -11.58 -19.54
C ILE A 183 0.38 -12.11 -18.43
N PRO A 184 0.62 -13.32 -17.92
CA PRO A 184 -0.31 -13.78 -16.87
C PRO A 184 -0.12 -13.08 -15.55
N LEU A 185 -1.14 -13.11 -14.71
CA LEU A 185 -1.07 -12.40 -13.44
C LEU A 185 -0.95 -13.31 -12.21
N THR A 186 -0.29 -12.76 -11.17
CA THR A 186 -0.08 -13.37 -9.84
C THR A 186 -0.40 -12.28 -8.79
N ALA A 187 -0.57 -12.66 -7.52
CA ALA A 187 -0.87 -11.63 -6.49
C ALA A 187 0.08 -10.43 -6.52
N ASP A 188 -0.44 -9.28 -6.11
CA ASP A 188 0.33 -8.04 -6.11
C ASP A 188 0.80 -7.76 -4.66
N ILE A 189 1.86 -7.00 -4.54
CA ILE A 189 2.35 -6.61 -3.25
C ILE A 189 1.42 -5.58 -2.61
N ASP A 190 0.73 -5.98 -1.54
CA ASP A 190 -0.20 -5.03 -0.88
C ASP A 190 0.42 -4.14 0.14
N MET A 191 0.21 -2.85 -0.02
CA MET A 191 0.77 -1.96 0.95
C MET A 191 -0.15 -1.76 2.17
N PHE A 192 0.37 -1.96 3.37
CA PHE A 192 -0.51 -1.77 4.52
C PHE A 192 -0.70 -0.29 4.74
N ALA A 193 0.39 0.46 4.68
CA ALA A 193 0.28 1.91 4.90
C ALA A 193 1.58 2.63 4.60
N ILE A 194 1.47 3.90 4.33
CA ILE A 194 2.65 4.66 4.05
C ILE A 194 2.79 5.85 5.03
N MET A 195 3.86 5.94 5.82
CA MET A 195 4.01 7.04 6.76
C MET A 195 5.12 8.04 6.40
N PRO A 196 4.80 9.06 5.58
CA PRO A 196 5.82 10.03 5.19
C PRO A 196 6.17 11.03 6.32
N HIS A 197 7.43 11.51 6.28
CA HIS A 197 7.97 12.50 7.20
C HIS A 197 7.38 13.83 6.81
N LEU A 198 6.93 14.61 7.81
CA LEU A 198 6.25 15.83 7.48
C LEU A 198 7.03 16.71 6.52
N SER A 199 8.35 16.74 6.60
CA SER A 199 9.05 17.63 5.67
C SER A 199 8.89 17.31 4.17
N ASN A 200 8.17 16.24 3.86
CA ASN A 200 7.93 15.94 2.44
C ASN A 200 6.88 16.82 1.88
N PHE A 201 6.29 17.62 2.76
CA PHE A 201 5.22 18.45 2.29
C PHE A 201 5.47 19.87 2.29
N ARG A 202 6.70 20.25 2.41
CA ARG A 202 7.03 21.67 2.38
C ARG A 202 6.58 22.38 1.15
N ASP A 203 7.08 21.86 0.03
CA ASP A 203 6.86 22.48 -1.26
C ASP A 203 5.43 22.64 -1.54
N SER A 204 4.77 21.51 -1.31
CA SER A 204 3.37 21.27 -1.47
C SER A 204 2.61 22.34 -0.69
N ALA A 205 2.93 22.59 0.57
CA ALA A 205 2.17 23.63 1.30
C ALA A 205 2.46 24.99 0.69
N ARG A 206 3.73 25.21 0.38
CA ARG A 206 4.10 26.45 -0.25
C ARG A 206 3.31 26.77 -1.56
N SER A 207 3.11 25.81 -2.44
CA SER A 207 2.42 26.17 -3.67
C SER A 207 0.93 26.35 -3.47
N SER A 208 0.42 25.91 -2.32
CA SER A 208 -1.02 26.01 -2.09
C SER A 208 -1.29 27.38 -1.52
N VAL A 209 -0.32 27.85 -0.76
CA VAL A 209 -0.53 29.08 -0.10
C VAL A 209 0.36 30.21 -0.58
N THR A 210 1.66 29.99 -0.66
CA THR A 210 2.54 31.05 -1.14
C THR A 210 2.42 30.90 -2.64
N SER A 211 3.43 31.27 -3.39
CA SER A 211 3.27 30.92 -4.78
C SER A 211 4.44 30.03 -5.00
N GLY A 212 4.64 29.19 -3.99
CA GLY A 212 5.76 28.29 -4.00
C GLY A 212 6.93 28.89 -3.28
N ASP A 213 6.75 30.00 -2.56
CA ASP A 213 7.85 30.62 -1.83
C ASP A 213 7.78 30.57 -0.32
N SER A 214 8.94 30.80 0.27
CA SER A 214 9.04 30.80 1.71
C SER A 214 8.11 31.95 2.16
N VAL A 215 7.68 31.93 3.43
CA VAL A 215 6.76 32.95 3.91
C VAL A 215 7.42 34.31 3.92
N THR A 216 8.66 34.34 4.40
CA THR A 216 9.40 35.60 4.43
C THR A 216 9.50 36.18 3.00
N ASP A 217 9.93 35.38 2.04
CA ASP A 217 10.01 35.88 0.67
C ASP A 217 8.67 36.32 0.06
N TYR A 218 7.56 35.74 0.51
CA TYR A 218 6.25 36.06 -0.04
C TYR A 218 5.69 37.38 0.48
N LEU A 219 5.80 37.59 1.81
CA LEU A 219 5.38 38.86 2.36
C LEU A 219 6.34 39.95 1.78
N ALA A 220 7.65 39.66 1.65
CA ALA A 220 8.53 40.70 1.05
C ALA A 220 8.07 41.08 -0.38
N ARG A 221 7.77 40.06 -1.17
CA ARG A 221 7.33 40.21 -2.55
C ARG A 221 5.94 40.85 -2.70
N THR A 222 5.12 40.91 -1.67
CA THR A 222 3.79 41.46 -1.92
C THR A 222 3.27 42.49 -0.95
N ARG A 223 4.07 42.80 0.07
CA ARG A 223 3.79 43.78 1.12
C ARG A 223 4.58 45.08 0.74
N ARG A 224 5.27 45.67 1.74
CA ARG A 224 6.12 46.92 1.63
C ARG A 224 6.57 47.26 3.05
N ALA A 225 7.82 47.67 3.22
CA ALA A 225 8.34 48.02 4.55
C ALA A 225 7.52 49.08 5.24
N LEU A 233 3.69 41.34 16.99
CA LEU A 233 2.37 41.44 16.39
C LEU A 233 2.46 41.09 14.98
N ASP A 234 3.12 40.14 14.47
CA ASP A 234 2.66 40.39 13.11
C ASP A 234 1.36 39.60 12.86
N ARG A 235 0.26 40.31 12.64
CA ARG A 235 -1.00 39.60 12.41
C ARG A 235 -1.02 38.98 11.02
N GLU A 236 -0.62 39.69 9.98
CA GLU A 236 -0.61 39.15 8.63
C GLU A 236 0.33 37.94 8.61
N ARG A 237 1.52 38.10 9.14
CA ARG A 237 2.51 37.01 9.15
C ARG A 237 2.03 35.76 9.91
N ILE A 238 1.39 35.95 11.07
CA ILE A 238 0.95 34.78 11.84
C ILE A 238 -0.10 34.03 11.05
N ASP A 239 -0.90 34.81 10.35
CA ASP A 239 -1.91 34.23 9.52
C ASP A 239 -1.29 33.27 8.48
N LEU A 240 -0.38 33.80 7.66
CA LEU A 240 0.28 33.03 6.63
C LEU A 240 0.87 31.74 7.25
N LEU A 241 1.58 31.86 8.38
CA LEU A 241 2.12 30.66 9.00
C LEU A 241 1.02 29.62 9.31
N TRP A 242 -0.14 30.01 9.82
CA TRP A 242 -1.16 28.99 10.12
C TRP A 242 -1.61 28.44 8.80
N LYS A 243 -1.54 29.27 7.78
CA LYS A 243 -2.01 28.81 6.52
C LYS A 243 -1.06 27.76 6.01
N ILE A 244 0.28 27.92 6.16
CA ILE A 244 1.10 26.86 5.63
C ILE A 244 0.98 25.57 6.47
N ALA A 245 0.87 25.72 7.80
CA ALA A 245 0.66 24.56 8.67
C ALA A 245 -0.62 23.75 8.26
N ARG A 246 -1.67 24.47 7.93
CA ARG A 246 -2.91 23.82 7.54
C ARG A 246 -2.68 23.06 6.28
N ALA A 247 -2.15 23.77 5.30
CA ALA A 247 -1.88 23.18 3.98
C ALA A 247 -0.96 21.99 4.06
N GLY A 248 0.09 22.10 4.84
CA GLY A 248 0.98 20.99 4.96
C GLY A 248 0.33 19.73 5.56
N ALA A 249 -0.46 19.89 6.62
CA ALA A 249 -1.10 18.76 7.28
C ALA A 249 -1.99 18.13 6.27
N ARG A 250 -2.68 18.99 5.53
CA ARG A 250 -3.66 18.58 4.54
C ARG A 250 -3.13 17.83 3.32
N SER A 251 -1.88 18.05 2.92
CA SER A 251 -1.41 17.24 1.80
C SER A 251 -0.77 15.97 2.37
N ALA A 252 -0.15 16.12 3.53
CA ALA A 252 0.52 14.99 4.17
C ALA A 252 -0.44 13.86 4.35
N VAL A 253 -1.63 14.20 4.75
CA VAL A 253 -2.66 13.24 5.01
C VAL A 253 -3.64 13.10 3.77
N GLY A 254 -3.31 13.76 2.65
CA GLY A 254 -4.14 13.74 1.44
C GLY A 254 -5.64 13.95 1.45
N THR A 255 -6.12 14.93 2.24
CA THR A 255 -7.53 15.22 2.42
C THR A 255 -8.33 15.33 1.14
N GLU A 256 -7.77 16.07 0.21
CA GLU A 256 -8.47 16.25 -1.02
C GLU A 256 -8.39 15.08 -1.90
N ALA A 257 -7.16 14.59 -2.12
CA ALA A 257 -6.93 13.44 -3.00
C ALA A 257 -7.78 12.22 -2.63
N ARG A 258 -8.04 12.06 -1.33
CA ARG A 258 -8.76 10.94 -0.86
C ARG A 258 -10.28 11.02 -1.06
N ARG A 259 -10.69 12.05 -1.75
CA ARG A 259 -12.12 12.18 -2.01
C ARG A 259 -12.50 11.51 -3.35
N GLN A 260 -11.49 11.18 -4.14
CA GLN A 260 -11.74 10.60 -5.47
C GLN A 260 -10.98 9.30 -5.70
N PHE A 261 -11.08 8.80 -6.92
CA PHE A 261 -10.37 7.61 -7.30
C PHE A 261 -9.29 8.04 -8.24
N ARG A 262 -8.16 7.39 -8.19
CA ARG A 262 -7.11 7.74 -9.18
C ARG A 262 -7.06 6.59 -10.19
N TYR A 263 -6.48 6.87 -11.32
CA TYR A 263 -6.41 5.82 -12.27
C TYR A 263 -5.06 5.80 -12.88
N ASP A 264 -4.71 4.65 -13.40
CA ASP A 264 -3.41 4.54 -14.04
C ASP A 264 -3.73 4.00 -15.37
N GLY A 265 -3.84 4.88 -16.37
CA GLY A 265 -4.19 4.39 -17.69
C GLY A 265 -5.63 4.00 -17.52
N ASP A 266 -6.07 2.81 -17.91
CA ASP A 266 -7.44 2.48 -17.65
C ASP A 266 -7.67 1.58 -16.46
N MET A 267 -6.72 1.47 -15.54
CA MET A 267 -6.93 0.60 -14.39
C MET A 267 -7.11 1.50 -13.18
N ASN A 268 -8.16 1.21 -12.39
CA ASN A 268 -8.53 1.93 -11.17
C ASN A 268 -7.58 1.59 -10.02
N ILE A 269 -6.85 2.58 -9.52
CA ILE A 269 -5.89 2.36 -8.47
C ILE A 269 -6.44 2.58 -7.07
N GLY A 270 -7.69 2.99 -6.99
CA GLY A 270 -8.30 3.23 -5.69
C GLY A 270 -8.03 4.61 -5.16
N VAL A 271 -8.31 4.75 -3.88
CA VAL A 271 -8.09 6.01 -3.21
C VAL A 271 -6.66 6.07 -2.78
N ILE A 272 -5.95 7.12 -3.15
CA ILE A 272 -4.55 7.17 -2.83
C ILE A 272 -4.11 8.66 -2.75
N THR A 273 -3.20 9.01 -1.84
CA THR A 273 -2.76 10.41 -1.80
C THR A 273 -1.68 10.75 -2.84
N ASP A 274 -1.47 12.02 -3.16
CA ASP A 274 -0.40 12.33 -4.13
C ASP A 274 0.92 11.64 -3.75
N PHE A 275 1.26 11.66 -2.46
CA PHE A 275 2.49 11.03 -1.99
C PHE A 275 2.43 9.53 -2.08
N GLU A 276 1.34 8.94 -1.65
CA GLU A 276 1.29 7.49 -1.70
C GLU A 276 1.59 6.91 -3.07
N LEU A 277 1.15 7.62 -4.14
CA LEU A 277 1.38 7.13 -5.49
C LEU A 277 2.71 7.57 -6.03
N GLU A 278 3.14 8.74 -5.62
CA GLU A 278 4.49 9.08 -6.00
C GLU A 278 5.28 7.83 -5.54
N VAL A 279 5.07 7.37 -4.27
CA VAL A 279 5.74 6.15 -3.74
C VAL A 279 5.46 4.92 -4.60
N ARG A 280 4.23 4.73 -5.05
CA ARG A 280 3.98 3.59 -5.90
C ARG A 280 4.84 3.55 -7.18
N ASN A 281 4.94 4.73 -7.81
CA ASN A 281 5.72 4.85 -9.05
C ASN A 281 7.18 4.65 -8.76
N ALA A 282 7.68 5.20 -7.64
CA ALA A 282 9.10 5.02 -7.37
C ALA A 282 9.39 3.51 -7.15
N LEU A 283 8.49 2.78 -6.49
CA LEU A 283 8.67 1.33 -6.30
C LEU A 283 8.55 0.53 -7.58
N ASN A 284 7.52 0.81 -8.35
CA ASN A 284 7.32 0.11 -9.60
C ASN A 284 8.51 0.38 -10.49
N ARG A 285 9.15 1.51 -10.31
CA ARG A 285 10.35 1.79 -11.08
C ARG A 285 11.41 0.78 -10.71
N ARG A 286 11.82 0.82 -9.46
CA ARG A 286 12.90 -0.02 -9.00
C ARG A 286 12.67 -1.44 -9.41
N ALA A 287 11.40 -1.80 -9.44
CA ALA A 287 10.95 -3.11 -9.80
C ALA A 287 11.29 -3.47 -11.24
N HIS A 288 11.14 -2.46 -12.08
CA HIS A 288 11.43 -2.63 -13.49
C HIS A 288 12.93 -2.69 -13.58
N ALA A 289 13.67 -1.94 -12.77
CA ALA A 289 15.10 -1.96 -12.93
C ALA A 289 15.63 -3.35 -12.67
N VAL A 290 14.90 -4.14 -11.91
CA VAL A 290 15.36 -5.48 -11.73
C VAL A 290 14.50 -6.21 -12.75
N GLY A 291 14.30 -7.50 -12.72
CA GLY A 291 13.48 -7.89 -13.87
C GLY A 291 11.97 -7.88 -13.78
N ALA A 292 11.37 -7.24 -12.76
CA ALA A 292 9.92 -7.35 -12.63
C ALA A 292 9.00 -6.34 -13.25
N GLN A 293 7.74 -6.73 -13.31
CA GLN A 293 6.69 -5.86 -13.81
C GLN A 293 6.30 -5.00 -12.62
N ASP A 294 5.21 -4.25 -12.79
CA ASP A 294 4.66 -3.42 -11.71
C ASP A 294 4.32 -4.34 -10.49
N VAL A 295 4.55 -3.91 -9.26
CA VAL A 295 4.19 -4.83 -8.20
C VAL A 295 3.20 -4.23 -7.22
N VAL A 296 3.10 -2.91 -7.22
CA VAL A 296 2.13 -2.21 -6.39
C VAL A 296 1.14 -1.62 -7.39
N GLN A 297 -0.03 -2.22 -7.39
CA GLN A 297 -1.08 -1.86 -8.30
C GLN A 297 -2.16 -0.95 -7.65
N HIS A 298 -2.06 -0.68 -6.36
CA HIS A 298 -3.09 0.12 -5.76
C HIS A 298 -2.70 0.75 -4.49
N GLY A 299 -3.58 1.61 -4.03
CA GLY A 299 -3.24 2.31 -2.79
C GLY A 299 -3.14 1.41 -1.59
N THR A 300 -2.94 2.07 -0.50
CA THR A 300 -2.80 1.46 0.79
C THR A 300 -4.07 0.93 1.46
N GLU A 301 -3.85 0.00 2.40
CA GLU A 301 -4.87 -0.62 3.21
C GLU A 301 -5.55 0.42 4.03
N GLN A 302 -4.91 1.57 4.25
CA GLN A 302 -5.64 2.59 5.00
C GLN A 302 -6.84 3.18 4.26
N ASN A 303 -7.04 2.85 2.98
CA ASN A 303 -8.24 3.34 2.29
C ASN A 303 -8.94 2.17 1.63
N ASN A 304 -8.76 0.99 2.21
CA ASN A 304 -9.46 -0.15 1.68
C ASN A 304 -10.84 -0.17 2.42
N PRO A 305 -11.96 -0.17 1.68
CA PRO A 305 -13.27 -0.20 2.35
C PRO A 305 -13.67 -1.56 2.95
N PHE A 306 -12.95 -2.62 2.62
CA PHE A 306 -13.17 -3.94 3.23
C PHE A 306 -11.83 -4.20 3.82
N PRO A 307 -11.53 -3.67 5.03
CA PRO A 307 -10.22 -3.88 5.65
C PRO A 307 -9.87 -5.26 6.19
N GLU A 308 -8.68 -5.74 5.87
CA GLU A 308 -8.25 -7.04 6.33
C GLU A 308 -7.67 -6.94 7.76
N ALA A 309 -7.82 -7.99 8.57
CA ALA A 309 -7.28 -8.04 9.95
C ALA A 309 -6.04 -8.98 9.90
N ASP A 310 -5.22 -8.85 8.77
CA ASP A 310 -3.95 -9.60 8.44
C ASP A 310 -3.11 -9.28 9.61
N GLU A 311 -2.37 -10.22 10.12
CA GLU A 311 -1.90 -9.93 11.45
C GLU A 311 -0.48 -10.00 11.76
N LYS A 312 0.18 -9.51 10.92
CA LYS A 312 1.54 -9.49 11.05
C LYS A 312 1.80 -8.60 9.92
N ILE A 313 2.46 -7.52 10.20
CA ILE A 313 2.73 -6.58 9.13
C ILE A 313 4.22 -6.40 8.93
N PHE A 314 4.65 -6.32 7.68
CA PHE A 314 6.07 -6.15 7.36
C PHE A 314 6.42 -4.67 7.32
N VAL A 315 7.39 -4.22 8.10
CA VAL A 315 7.71 -2.80 8.16
C VAL A 315 9.08 -2.43 7.72
N VAL A 316 9.17 -1.40 6.89
CA VAL A 316 10.46 -0.95 6.42
C VAL A 316 10.58 0.54 6.71
N SER A 317 11.45 0.88 7.62
CA SER A 317 11.69 2.23 8.03
C SER A 317 12.40 3.13 7.08
N ALA A 318 12.20 4.41 7.28
CA ALA A 318 12.88 5.39 6.47
C ALA A 318 14.40 5.23 6.62
N THR A 319 14.81 4.57 7.67
CA THR A 319 16.23 4.34 7.89
C THR A 319 16.69 3.11 7.11
N GLY A 320 15.75 2.33 6.60
CA GLY A 320 16.16 1.11 5.91
C GLY A 320 16.07 -0.20 6.72
N GLU A 321 16.05 -0.10 8.04
CA GLU A 321 15.90 -1.27 8.89
C GLU A 321 14.52 -1.93 8.58
N SER A 322 14.42 -3.25 8.65
CA SER A 322 13.17 -3.90 8.35
C SER A 322 12.68 -4.79 9.47
N GLN A 323 11.37 -4.93 9.62
CA GLN A 323 10.87 -5.81 10.70
C GLN A 323 9.43 -6.31 10.59
N MET A 324 9.14 -7.35 11.35
CA MET A 324 7.78 -7.90 11.44
C MET A 324 7.15 -7.34 12.70
N LEU A 325 5.87 -6.94 12.67
CA LEU A 325 5.18 -6.43 13.87
C LEU A 325 3.83 -7.09 14.06
N THR A 326 3.50 -7.42 15.30
CA THR A 326 2.21 -7.95 15.67
C THR A 326 1.32 -6.70 15.75
N ARG A 327 -0.03 -6.78 15.66
CA ARG A 327 -0.83 -5.54 15.69
C ARG A 327 -0.52 -4.72 16.97
N GLY A 328 0.10 -5.31 17.97
CA GLY A 328 0.37 -4.62 19.23
C GLY A 328 1.67 -3.81 19.18
N GLN A 329 2.71 -4.42 18.65
CA GLN A 329 3.94 -3.72 18.52
C GLN A 329 3.80 -2.68 17.42
N LEU A 330 2.69 -2.82 16.65
CA LEU A 330 2.42 -1.88 15.56
C LEU A 330 1.98 -0.50 16.07
N LYS A 331 1.17 -0.47 17.12
CA LYS A 331 0.77 0.82 17.72
C LYS A 331 1.99 1.45 18.32
N GLU A 332 2.79 0.70 19.05
CA GLU A 332 3.98 1.28 19.64
C GLU A 332 4.82 1.89 18.54
N TYR A 333 4.99 1.17 17.45
CA TYR A 333 5.83 1.72 16.39
C TYR A 333 5.27 3.06 15.85
N ILE A 334 4.03 3.05 15.41
CA ILE A 334 3.47 4.26 14.88
C ILE A 334 3.71 5.45 15.81
N GLY A 335 3.41 5.24 17.09
CA GLY A 335 3.60 6.28 18.10
C GLY A 335 5.04 6.76 18.22
N GLN A 336 6.01 5.85 18.17
CA GLN A 336 7.41 6.19 18.22
C GLN A 336 7.69 7.10 17.03
N GLN A 337 7.36 6.57 15.86
CA GLN A 337 7.56 7.28 14.62
C GLN A 337 6.78 8.60 14.50
N ARG A 338 5.60 8.65 15.09
CA ARG A 338 4.83 9.88 14.99
C ARG A 338 5.62 10.95 15.74
N GLY A 339 6.28 10.55 16.83
CA GLY A 339 7.17 11.39 17.64
C GLY A 339 8.37 11.88 16.87
N GLU A 340 8.78 11.14 15.83
CA GLU A 340 9.89 11.63 15.03
C GLU A 340 9.38 12.46 13.79
N GLY A 341 8.07 12.72 13.68
CA GLY A 341 7.59 13.55 12.56
C GLY A 341 7.00 12.83 11.36
N TYR A 342 6.92 11.51 11.48
CA TYR A 342 6.33 10.75 10.45
C TYR A 342 4.85 10.84 10.76
N VAL A 343 4.10 11.06 9.71
CA VAL A 343 2.66 11.25 9.75
C VAL A 343 1.92 9.94 9.53
N PHE A 344 0.77 9.74 10.17
CA PHE A 344 -0.02 8.55 9.95
C PHE A 344 -1.50 8.83 10.02
N TYR A 345 -2.27 8.17 9.19
CA TYR A 345 -3.68 8.36 9.34
C TYR A 345 -4.21 6.94 9.19
N GLU A 346 -5.30 6.65 9.89
CA GLU A 346 -5.79 5.31 9.81
C GLU A 346 -7.05 5.18 9.04
N ASN A 347 -7.33 3.94 8.68
CA ASN A 347 -8.51 3.49 7.98
C ASN A 347 -9.71 4.01 8.73
N ARG A 348 -10.60 4.68 8.03
CA ARG A 348 -11.71 5.29 8.72
C ARG A 348 -12.65 4.38 9.45
N ALA A 349 -12.59 3.11 9.12
CA ALA A 349 -13.47 2.17 9.76
C ALA A 349 -12.85 1.43 10.94
N TYR A 350 -11.69 1.85 11.43
CA TYR A 350 -11.11 1.11 12.54
C TYR A 350 -11.83 1.52 13.85
N GLY A 351 -12.06 2.81 14.00
CA GLY A 351 -12.71 3.33 15.20
C GLY A 351 -14.05 2.65 15.49
N VAL A 352 -15.08 2.93 14.70
CA VAL A 352 -16.36 2.32 14.90
C VAL A 352 -16.30 0.84 15.13
N ALA A 353 -15.18 0.19 14.81
CA ALA A 353 -15.07 -1.27 14.98
C ALA A 353 -14.22 -1.56 16.18
N GLY A 354 -13.69 -0.54 16.81
CA GLY A 354 -12.89 -0.80 17.98
C GLY A 354 -11.47 -1.24 17.69
N LYS A 355 -10.94 -0.97 16.51
CA LYS A 355 -9.57 -1.42 16.27
C LYS A 355 -8.64 -0.27 15.93
N SER A 356 -8.86 0.92 16.49
CA SER A 356 -8.04 2.09 16.20
C SER A 356 -6.66 1.97 16.75
N LEU A 357 -5.69 2.46 15.97
CA LEU A 357 -4.28 2.48 16.33
C LEU A 357 -3.91 3.75 17.13
N PHE A 358 -4.88 4.60 17.40
CA PHE A 358 -4.63 5.82 18.19
C PHE A 358 -5.17 5.75 19.65
N ASP A 359 -4.41 6.29 20.60
CA ASP A 359 -4.84 6.32 22.00
C ASP A 359 -5.15 7.76 22.46
N ASP A 360 -6.02 8.46 21.73
CA ASP A 360 -6.33 9.84 22.05
C ASP A 360 -7.80 10.14 22.08
N GLY A 361 -8.11 11.43 22.20
CA GLY A 361 -9.49 11.90 22.19
C GLY A 361 -10.25 11.09 21.16
N LEU A 362 -9.95 11.32 19.88
CA LEU A 362 -10.58 10.62 18.74
C LEU A 362 -11.96 11.15 18.48
N GLY A 363 -12.27 12.25 19.17
CA GLY A 363 -13.56 12.91 19.03
C GLY A 363 -13.50 14.40 18.68
N ALA A 364 -14.49 15.16 19.19
CA ALA A 364 -14.59 16.61 18.95
C ALA A 364 -14.50 17.46 20.26
N THR B 5 -15.26 23.13 2.60
CA THR B 5 -15.59 22.70 4.00
C THR B 5 -15.26 21.25 4.41
N ASP B 6 -14.10 21.06 5.05
CA ASP B 6 -13.67 19.75 5.48
C ASP B 6 -14.65 19.06 6.49
N SER B 7 -14.70 17.73 6.47
CA SER B 7 -15.56 16.96 7.40
C SER B 7 -14.88 16.75 8.80
N GLU B 8 -15.66 16.36 9.78
CA GLU B 8 -15.06 16.16 11.08
C GLU B 8 -13.92 15.15 10.99
N GLU B 9 -14.08 14.12 10.19
CA GLU B 9 -13.02 13.14 10.15
C GLU B 9 -11.78 13.63 9.40
N GLU B 10 -12.02 14.43 8.36
CA GLU B 10 -10.90 15.00 7.61
C GLU B 10 -10.08 15.90 8.62
N ILE B 11 -10.79 16.80 9.34
CA ILE B 11 -10.19 17.67 10.30
C ILE B 11 -9.50 16.89 11.41
N ARG B 12 -9.97 15.72 11.76
CA ARG B 12 -9.26 14.97 12.77
C ARG B 12 -7.98 14.28 12.23
N GLU B 13 -7.91 13.96 10.94
CA GLU B 13 -6.68 13.36 10.48
C GLU B 13 -5.61 14.47 10.49
N ALA B 14 -5.98 15.64 10.02
CA ALA B 14 -5.04 16.74 10.06
C ALA B 14 -4.61 17.03 11.48
N PHE B 15 -5.55 16.97 12.45
CA PHE B 15 -5.22 17.29 13.87
C PHE B 15 -4.11 16.37 14.33
N ARG B 16 -4.22 15.11 13.93
CA ARG B 16 -3.17 14.22 14.35
C ARG B 16 -1.75 14.54 13.83
N VAL B 17 -1.62 15.20 12.68
CA VAL B 17 -0.30 15.56 12.21
C VAL B 17 0.38 16.51 13.20
N PHE B 18 -0.35 17.50 13.70
CA PHE B 18 0.22 18.42 14.65
C PHE B 18 0.42 17.78 15.99
N ASP B 19 -0.63 17.15 16.49
CA ASP B 19 -0.58 16.51 17.83
C ASP B 19 0.28 15.23 17.86
N LYS B 20 1.56 15.39 17.65
CA LYS B 20 2.41 14.22 17.58
C LYS B 20 2.35 13.29 18.79
N ASP B 21 2.43 13.79 20.02
CA ASP B 21 2.39 12.81 21.10
C ASP B 21 1.02 12.28 21.33
N GLY B 22 0.86 11.65 22.46
CA GLY B 22 -0.45 11.10 22.76
C GLY B 22 -1.63 12.07 22.80
N ASN B 23 -1.66 12.90 23.86
CA ASN B 23 -2.71 13.87 24.23
C ASN B 23 -3.40 14.58 23.12
N GLY B 24 -4.57 15.14 23.39
CA GLY B 24 -5.28 15.84 22.34
C GLY B 24 -5.06 17.32 22.38
N TYR B 25 -3.82 17.73 22.46
CA TYR B 25 -3.58 19.16 22.52
C TYR B 25 -2.36 19.44 21.71
N ILE B 26 -2.35 20.56 21.01
CA ILE B 26 -1.17 20.88 20.26
C ILE B 26 -0.46 21.86 21.13
N SER B 27 0.72 21.49 21.58
CA SER B 27 1.55 22.33 22.41
C SER B 27 2.48 23.15 21.51
N ALA B 28 3.17 24.10 22.13
CA ALA B 28 4.11 24.99 21.47
C ALA B 28 5.24 24.23 20.80
N ALA B 29 5.80 23.25 21.52
CA ALA B 29 6.88 22.41 21.00
C ALA B 29 6.33 21.63 19.79
N GLU B 30 5.12 21.10 19.90
CA GLU B 30 4.68 20.36 18.74
C GLU B 30 4.51 21.31 17.57
N LEU B 31 3.88 22.47 17.77
CA LEU B 31 3.70 23.36 16.62
C LEU B 31 5.05 23.80 16.04
N ARG B 32 6.08 24.07 16.85
CA ARG B 32 7.34 24.45 16.26
C ARG B 32 7.96 23.37 15.34
N HIS B 33 7.97 22.10 15.77
CA HIS B 33 8.48 20.98 15.00
C HIS B 33 7.75 20.92 13.66
N VAL B 34 6.44 21.24 13.65
CA VAL B 34 5.60 21.28 12.44
C VAL B 34 6.02 22.41 11.55
N MET B 35 5.96 23.63 12.06
CA MET B 35 6.43 24.74 11.25
C MET B 35 7.82 24.61 10.63
N THR B 36 8.79 23.90 11.16
CA THR B 36 10.12 23.92 10.45
C THR B 36 10.14 22.72 9.53
N ASN B 37 9.33 21.71 9.78
CA ASN B 37 9.35 20.66 8.78
C ASN B 37 8.64 21.29 7.56
N LEU B 38 7.76 22.26 7.75
CA LEU B 38 7.16 22.87 6.60
C LEU B 38 8.01 24.11 6.26
N GLY B 39 9.30 23.99 6.46
CA GLY B 39 10.23 25.08 6.18
C GLY B 39 10.17 26.51 6.74
N GLU B 40 9.92 26.70 8.04
CA GLU B 40 9.92 28.06 8.61
C GLU B 40 10.61 27.95 9.97
N LYS B 41 11.82 28.48 10.06
CA LYS B 41 12.51 28.46 11.32
C LYS B 41 11.80 29.51 12.14
N LEU B 42 11.37 29.23 13.35
CA LEU B 42 10.72 30.29 14.08
C LEU B 42 11.36 30.50 15.41
N THR B 43 11.25 31.70 15.93
CA THR B 43 11.80 31.90 17.26
C THR B 43 10.67 31.43 18.19
N ASP B 44 11.02 31.22 19.47
CA ASP B 44 10.04 30.84 20.50
C ASP B 44 8.91 31.91 20.56
N GLU B 45 9.26 33.18 20.40
CA GLU B 45 8.28 34.25 20.46
C GLU B 45 7.29 34.09 19.31
N GLU B 46 7.79 33.60 18.19
CA GLU B 46 6.92 33.44 17.07
C GLU B 46 6.04 32.24 17.26
N VAL B 47 6.53 31.21 17.93
CA VAL B 47 5.68 30.06 18.16
C VAL B 47 4.54 30.48 19.06
N ASP B 48 4.94 31.02 20.21
CA ASP B 48 4.03 31.57 21.23
C ASP B 48 2.91 32.31 20.50
N GLU B 49 3.28 33.26 19.63
CA GLU B 49 2.36 34.09 18.81
C GLU B 49 1.33 33.32 17.96
N MET B 50 1.75 32.19 17.41
CA MET B 50 0.85 31.37 16.60
C MET B 50 -0.10 30.67 17.55
N ILE B 51 0.41 30.12 18.66
CA ILE B 51 -0.37 29.45 19.68
C ILE B 51 -1.45 30.43 20.20
N ARG B 52 -0.96 31.54 20.73
CA ARG B 52 -1.79 32.61 21.22
C ARG B 52 -2.94 33.00 20.29
N GLU B 53 -2.59 33.17 19.05
CA GLU B 53 -3.58 33.61 18.11
C GLU B 53 -4.70 32.55 17.94
N ALA B 54 -4.37 31.30 18.25
CA ALA B 54 -5.32 30.21 18.07
C ALA B 54 -6.00 29.85 19.37
N ASP B 55 -5.25 30.04 20.46
CA ASP B 55 -5.67 29.68 21.81
C ASP B 55 -6.79 30.54 22.34
N ILE B 56 -8.01 30.23 21.92
CA ILE B 56 -9.18 30.92 22.38
C ILE B 56 -9.32 31.01 23.94
N ASP B 57 -9.42 29.87 24.62
CA ASP B 57 -9.58 29.85 26.09
C ASP B 57 -8.40 30.19 27.01
N GLY B 58 -7.24 30.43 26.41
CA GLY B 58 -6.05 30.81 27.17
C GLY B 58 -5.18 29.78 27.88
N ASP B 59 -5.52 28.49 27.88
CA ASP B 59 -4.69 27.51 28.59
C ASP B 59 -3.52 27.61 27.65
N GLY B 60 -2.33 27.13 27.89
CA GLY B 60 -1.42 27.55 26.79
C GLY B 60 -1.23 26.66 25.54
N GLN B 61 -2.31 26.00 25.13
CA GLN B 61 -2.26 25.06 24.04
C GLN B 61 -3.53 25.05 23.15
N VAL B 62 -3.47 24.35 22.02
CA VAL B 62 -4.59 24.32 21.09
C VAL B 62 -5.32 23.03 21.15
N ASN B 63 -6.60 23.05 21.55
CA ASN B 63 -7.45 21.82 21.66
C ASN B 63 -8.22 21.61 20.36
N TYR B 64 -8.89 20.45 20.23
CA TYR B 64 -9.60 20.14 18.98
C TYR B 64 -10.52 21.28 18.55
N GLU B 65 -11.36 21.76 19.46
CA GLU B 65 -12.28 22.80 19.01
C GLU B 65 -11.59 24.12 18.54
N GLU B 66 -10.46 24.47 19.16
CA GLU B 66 -9.76 25.66 18.69
C GLU B 66 -9.13 25.41 17.30
N PHE B 67 -8.64 24.19 17.10
CA PHE B 67 -8.02 23.79 15.84
C PHE B 67 -9.08 23.88 14.72
N VAL B 68 -10.32 23.55 15.04
CA VAL B 68 -11.32 23.68 14.02
C VAL B 68 -11.46 25.13 13.54
N GLN B 69 -11.46 26.09 14.45
CA GLN B 69 -11.59 27.51 14.06
C GLN B 69 -10.41 27.92 13.24
N MET B 70 -9.23 27.56 13.69
CA MET B 70 -8.00 27.89 12.98
C MET B 70 -8.00 27.21 11.59
N MET B 71 -8.91 26.25 11.39
CA MET B 71 -9.01 25.53 10.12
C MET B 71 -10.09 26.09 9.21
N THR B 72 -11.15 26.62 9.79
CA THR B 72 -12.24 27.18 8.99
C THR B 72 -11.90 28.58 8.48
N ALA B 73 -10.77 29.15 8.89
CA ALA B 73 -10.45 30.51 8.46
C ALA B 73 -9.98 30.63 7.01
CA CA C . -6.51 26.23 24.49
CA CA D . 0.15 16.98 22.16
#